data_6ENC
#
_entry.id   6ENC
#
_cell.length_a   78.063
_cell.length_b   87.175
_cell.length_c   99.154
_cell.angle_alpha   90.000
_cell.angle_beta   90.000
_cell.angle_gamma   90.000
#
_symmetry.space_group_name_H-M   'P 21 21 21'
#
loop_
_entity.id
_entity.type
_entity.pdbx_description
1 polymer 'Leukotriene A-4 hydrolase'
2 non-polymer 'ZINC ION'
3 non-polymer 'ACETATE ION'
4 non-polymer 'YTTERBIUM (III) ION'
5 non-polymer IMIDAZOLE
6 non-polymer '1-[[4-(1,3-benzothiazol-2-yloxy)phenyl]methyl]piperidine-4-carboxylic acid'
7 water water
#
_entity_poly.entity_id   1
_entity_poly.type   'polypeptide(L)'
_entity_poly.pdbx_seq_one_letter_code
;GPGPEIVDTCSLASPASVCRTKHLHLRCSVDFTRRTLTGTAALTVQSQEDNLRSLVLDTKDLTIEKVVINGQEVKYALGE
RQSYKGSPMEISLPIALSKNQEIVIEISFETSPKSSALQWLTPEQTSGKEHPYLFSQCQAIHCRAILPCQDTPSVKLTYT
AEVSVPKELVALMSAIRDGETPDPEDPSRKIYKFIQKVPIPCYLIALVVGALESRQIGPRTLVWSEKEQVEKSAYEFSET
ESMLKIAEDLGGPYVWGQYDLLVLPPSFPYGGMENPCLTFVTPTLLAGDKSLSNVIAHEISHSWTGNLVTNKTWDHFWLN
EGHTVYLERHICGRLFGEKFRHFNALGGWGELQNSVKTFGETHPFTKLVVDLTDIDPDVAYSSVPYEKGFALLFYLEQLL
GGPEIFLGFLKAYVEKFSYKSITTDDWKDFLYSYFKDKVDVLNQVDWNAWLYSPGLPPIKPNYDMTLTNACIALSQRWIT
AKEDDLNSFNATDLKDLSSHQLNEFLAQTLQRAPLPLGHIKRMQEVYNFNAINNSEIRFRWLRLCIQSKWEDAIPLALKM
ATEQGRMKFTRPLFKDLAAFDKSHDQAVRTYQEHKASMHPVTAMLVGKDLKVD
;
_entity_poly.pdbx_strand_id   A
#
# COMPACT_ATOMS: atom_id res chain seq x y z
N ILE A 6 -25.13 -1.96 -3.90
CA ILE A 6 -24.54 -0.68 -3.49
C ILE A 6 -23.73 0.00 -4.62
N VAL A 7 -23.37 1.28 -4.42
CA VAL A 7 -22.66 2.04 -5.46
C VAL A 7 -21.19 2.36 -5.18
N ASP A 8 -20.32 2.04 -6.14
CA ASP A 8 -18.92 2.43 -6.07
C ASP A 8 -18.85 3.83 -6.71
N THR A 9 -18.75 4.85 -5.87
CA THR A 9 -18.69 6.25 -6.28
C THR A 9 -17.35 6.65 -6.91
N CYS A 10 -16.31 5.79 -6.83
CA CYS A 10 -15.00 6.08 -7.43
C CYS A 10 -14.91 5.53 -8.87
N SER A 11 -15.93 4.79 -9.31
CA SER A 11 -15.89 4.21 -10.65
C SER A 11 -16.94 4.81 -11.56
N LEU A 12 -16.58 4.99 -12.84
CA LEU A 12 -17.50 5.49 -13.86
C LEU A 12 -18.04 4.35 -14.75
N ALA A 13 -17.52 3.14 -14.55
CA ALA A 13 -17.92 1.96 -15.34
C ALA A 13 -19.31 1.42 -14.98
N SER A 14 -19.88 0.55 -15.83
CA SER A 14 -21.13 -0.14 -15.50
C SER A 14 -20.89 -0.93 -14.21
N PRO A 15 -21.83 -0.86 -13.24
CA PRO A 15 -21.64 -1.60 -11.98
C PRO A 15 -21.73 -3.12 -12.19
N ALA A 16 -21.38 -3.91 -11.14
CA ALA A 16 -21.40 -5.37 -11.14
C ALA A 16 -22.82 -5.95 -11.32
N SER A 17 -23.86 -5.16 -11.01
CA SER A 17 -25.28 -5.54 -11.17
C SER A 17 -25.71 -5.48 -12.65
N VAL A 18 -24.91 -4.84 -13.53
CA VAL A 18 -25.20 -4.72 -14.96
C VAL A 18 -24.39 -5.78 -15.75
N CYS A 19 -23.06 -5.82 -15.51
CA CYS A 19 -22.16 -6.76 -16.17
C CYS A 19 -20.93 -6.96 -15.30
N ARG A 20 -20.24 -8.10 -15.51
CA ARG A 20 -19.05 -8.40 -14.70
C ARG A 20 -17.95 -8.93 -15.59
N THR A 21 -16.75 -8.39 -15.42
CA THR A 21 -15.61 -8.88 -16.18
C THR A 21 -15.18 -10.17 -15.47
N LYS A 22 -15.04 -11.26 -16.24
CA LYS A 22 -14.65 -12.56 -15.70
C LYS A 22 -13.18 -12.85 -15.92
N HIS A 23 -12.64 -12.33 -17.03
CA HIS A 23 -11.26 -12.59 -17.42
C HIS A 23 -10.69 -11.44 -18.25
N LEU A 24 -9.37 -11.26 -18.17
CA LEU A 24 -8.64 -10.30 -18.97
C LEU A 24 -7.50 -11.04 -19.63
N HIS A 25 -7.39 -10.92 -20.94
CA HIS A 25 -6.22 -11.44 -21.63
C HIS A 25 -5.46 -10.19 -22.15
N LEU A 26 -4.34 -9.86 -21.50
CA LEU A 26 -3.56 -8.68 -21.87
C LEU A 26 -2.37 -9.01 -22.77
N ARG A 27 -2.29 -8.34 -23.92
CA ARG A 27 -1.17 -8.49 -24.84
C ARG A 27 -0.56 -7.11 -25.01
N CYS A 28 0.63 -6.90 -24.45
CA CYS A 28 1.20 -5.57 -24.57
C CYS A 28 2.69 -5.53 -24.80
N SER A 29 3.15 -4.35 -25.24
CA SER A 29 4.54 -4.05 -25.51
C SER A 29 4.94 -2.80 -24.74
N VAL A 30 6.12 -2.83 -24.10
CA VAL A 30 6.64 -1.72 -23.32
C VAL A 30 7.63 -0.92 -24.19
N ASP A 31 7.36 0.37 -24.41
CA ASP A 31 8.24 1.22 -25.22
C ASP A 31 8.85 2.30 -24.33
N PHE A 32 10.12 2.13 -23.90
CA PHE A 32 10.81 3.09 -23.05
C PHE A 32 11.11 4.42 -23.74
N THR A 33 11.27 4.42 -25.07
CA THR A 33 11.53 5.66 -25.83
C THR A 33 10.32 6.59 -25.79
N ARG A 34 9.13 6.04 -26.01
CA ARG A 34 7.89 6.83 -26.00
C ARG A 34 7.25 6.90 -24.61
N ARG A 35 7.69 6.03 -23.65
CA ARG A 35 7.12 5.87 -22.31
C ARG A 35 5.63 5.47 -22.43
N THR A 36 5.36 4.48 -23.29
CA THR A 36 4.00 4.00 -23.49
C THR A 36 3.93 2.50 -23.38
N LEU A 37 2.78 2.01 -22.93
CA LEU A 37 2.45 0.59 -22.92
C LEU A 37 1.37 0.51 -24.00
N THR A 38 1.59 -0.34 -25.02
CA THR A 38 0.62 -0.47 -26.12
C THR A 38 0.21 -1.89 -26.29
N GLY A 39 -1.07 -2.11 -26.56
CA GLY A 39 -1.54 -3.44 -26.86
C GLY A 39 -3.03 -3.59 -26.90
N THR A 40 -3.47 -4.81 -26.55
CA THR A 40 -4.88 -5.15 -26.51
C THR A 40 -5.24 -5.76 -25.18
N ALA A 41 -6.38 -5.34 -24.67
CA ALA A 41 -6.98 -5.85 -23.45
C ALA A 41 -8.27 -6.52 -23.93
N ALA A 42 -8.29 -7.86 -23.87
CA ALA A 42 -9.45 -8.65 -24.26
C ALA A 42 -10.20 -9.02 -22.97
N LEU A 43 -11.34 -8.38 -22.78
CA LEU A 43 -12.17 -8.58 -21.59
C LEU A 43 -13.29 -9.55 -21.85
N THR A 44 -13.36 -10.63 -21.04
CA THR A 44 -14.49 -11.57 -21.12
C THR A 44 -15.53 -10.96 -20.18
N VAL A 45 -16.63 -10.48 -20.74
CA VAL A 45 -17.64 -9.78 -19.95
C VAL A 45 -18.91 -10.64 -19.92
N GLN A 46 -19.47 -10.80 -18.71
CA GLN A 46 -20.72 -11.52 -18.51
C GLN A 46 -21.84 -10.54 -18.20
N SER A 47 -22.95 -10.59 -18.98
CA SER A 47 -24.12 -9.73 -18.74
C SER A 47 -24.86 -10.18 -17.46
N GLN A 48 -25.33 -9.22 -16.65
CA GLN A 48 -26.12 -9.56 -15.46
C GLN A 48 -27.57 -9.15 -15.65
N GLU A 49 -27.92 -8.72 -16.87
CA GLU A 49 -29.23 -8.19 -17.22
C GLU A 49 -29.71 -8.72 -18.55
N ASP A 50 -31.03 -8.68 -18.75
CA ASP A 50 -31.63 -9.03 -20.02
C ASP A 50 -31.45 -7.86 -20.97
N ASN A 51 -31.35 -8.16 -22.28
CA ASN A 51 -31.29 -7.15 -23.34
C ASN A 51 -30.20 -6.08 -23.13
N LEU A 52 -28.99 -6.52 -22.74
CA LEU A 52 -27.88 -5.61 -22.53
C LEU A 52 -27.26 -5.21 -23.87
N ARG A 53 -27.30 -3.90 -24.19
CA ARG A 53 -26.83 -3.39 -25.50
C ARG A 53 -25.60 -2.49 -25.48
N SER A 54 -25.19 -2.08 -24.30
CA SER A 54 -24.03 -1.23 -24.15
C SER A 54 -23.46 -1.37 -22.75
N LEU A 55 -22.22 -1.00 -22.61
CA LEU A 55 -21.58 -1.02 -21.29
C LEU A 55 -20.54 0.08 -21.22
N VAL A 56 -20.18 0.45 -20.01
CA VAL A 56 -19.24 1.53 -19.79
C VAL A 56 -18.04 1.01 -19.00
N LEU A 57 -16.86 1.40 -19.44
CA LEU A 57 -15.58 1.07 -18.82
C LEU A 57 -14.90 2.34 -18.31
N ASP A 58 -14.02 2.18 -17.31
CA ASP A 58 -13.20 3.26 -16.77
C ASP A 58 -11.95 3.38 -17.62
N THR A 59 -11.51 4.61 -17.92
CA THR A 59 -10.26 4.88 -18.62
C THR A 59 -9.68 6.15 -18.00
N LYS A 60 -8.37 6.37 -18.11
CA LYS A 60 -7.75 7.61 -17.62
C LYS A 60 -6.50 7.85 -18.43
N ASP A 61 -6.52 8.90 -19.27
CA ASP A 61 -5.41 9.28 -20.15
C ASP A 61 -5.00 8.14 -21.10
N LEU A 62 -5.97 7.33 -21.53
CA LEU A 62 -5.73 6.27 -22.50
C LEU A 62 -6.12 6.74 -23.87
N THR A 63 -5.36 6.33 -24.89
CA THR A 63 -5.67 6.54 -26.29
C THR A 63 -6.26 5.21 -26.78
N ILE A 64 -7.49 5.23 -27.30
CA ILE A 64 -8.13 4.02 -27.80
C ILE A 64 -8.01 4.06 -29.30
N GLU A 65 -7.52 2.96 -29.89
CA GLU A 65 -7.36 2.82 -31.35
C GLU A 65 -8.63 2.22 -31.96
N LYS A 66 -9.16 1.14 -31.35
CA LYS A 66 -10.34 0.44 -31.84
C LYS A 66 -10.88 -0.50 -30.78
N VAL A 67 -12.12 -0.93 -30.97
CA VAL A 67 -12.79 -1.91 -30.09
C VAL A 67 -13.30 -2.99 -31.03
N VAL A 68 -12.96 -4.27 -30.77
CA VAL A 68 -13.34 -5.37 -31.64
C VAL A 68 -14.15 -6.42 -30.89
N ILE A 69 -15.34 -6.74 -31.43
CA ILE A 69 -16.23 -7.78 -30.91
C ILE A 69 -16.63 -8.65 -32.10
N ASN A 70 -16.48 -9.99 -31.99
CA ASN A 70 -16.84 -10.96 -33.03
C ASN A 70 -16.06 -10.70 -34.34
N GLY A 71 -14.82 -10.26 -34.22
CA GLY A 71 -13.95 -9.95 -35.35
C GLY A 71 -14.30 -8.66 -36.10
N GLN A 72 -15.25 -7.86 -35.59
CA GLN A 72 -15.64 -6.62 -36.26
C GLN A 72 -15.45 -5.41 -35.34
N GLU A 73 -15.14 -4.24 -35.94
CA GLU A 73 -14.97 -3.01 -35.16
C GLU A 73 -16.33 -2.49 -34.74
N VAL A 74 -16.43 -2.02 -33.48
CA VAL A 74 -17.69 -1.52 -32.93
C VAL A 74 -17.61 -0.05 -32.55
N LYS A 75 -18.76 0.57 -32.36
CA LYS A 75 -18.81 1.98 -31.96
C LYS A 75 -18.51 2.09 -30.46
N TYR A 76 -17.76 3.14 -30.11
CA TYR A 76 -17.42 3.49 -28.74
C TYR A 76 -17.36 5.01 -28.64
N ALA A 77 -17.54 5.54 -27.44
CA ALA A 77 -17.47 6.97 -27.18
C ALA A 77 -16.84 7.19 -25.84
N LEU A 78 -15.92 8.16 -25.78
CA LEU A 78 -15.27 8.58 -24.56
C LEU A 78 -15.98 9.81 -24.04
N GLY A 79 -16.44 9.77 -22.80
CA GLY A 79 -17.13 10.91 -22.21
C GLY A 79 -16.12 11.96 -21.78
N GLU A 80 -16.63 13.09 -21.23
CA GLU A 80 -15.81 14.17 -20.69
C GLU A 80 -15.02 13.64 -19.48
N ARG A 81 -13.77 14.12 -19.29
CA ARG A 81 -12.97 13.68 -18.15
C ARG A 81 -13.60 14.22 -16.85
N GLN A 82 -13.66 13.37 -15.82
CA GLN A 82 -14.19 13.73 -14.49
C GLN A 82 -13.07 13.71 -13.48
N SER A 83 -12.12 14.65 -13.66
CA SER A 83 -10.94 14.83 -12.82
C SER A 83 -10.15 13.50 -12.58
N TYR A 84 -9.83 13.17 -11.31
CA TYR A 84 -9.11 11.95 -10.92
C TYR A 84 -9.82 10.63 -11.35
N LYS A 85 -11.15 10.67 -11.60
CA LYS A 85 -11.89 9.48 -12.04
C LYS A 85 -11.57 9.06 -13.48
N GLY A 86 -11.05 9.98 -14.28
CA GLY A 86 -10.78 9.69 -15.68
C GLY A 86 -12.01 9.88 -16.55
N SER A 87 -12.02 9.21 -17.72
CA SER A 87 -13.07 9.33 -18.73
C SER A 87 -13.83 8.03 -18.91
N PRO A 88 -15.19 8.06 -18.88
CA PRO A 88 -15.96 6.83 -19.13
C PRO A 88 -15.93 6.48 -20.62
N MET A 89 -15.85 5.19 -20.91
CA MET A 89 -15.79 4.70 -22.28
C MET A 89 -17.03 3.84 -22.49
N GLU A 90 -17.99 4.35 -23.27
CA GLU A 90 -19.20 3.60 -23.55
C GLU A 90 -19.03 2.81 -24.85
N ILE A 91 -19.27 1.49 -24.79
CA ILE A 91 -19.10 0.60 -25.93
C ILE A 91 -20.48 0.09 -26.39
N SER A 92 -20.79 0.20 -27.70
CA SER A 92 -22.06 -0.27 -28.25
C SER A 92 -21.91 -1.71 -28.67
N LEU A 93 -22.67 -2.60 -28.03
CA LEU A 93 -22.56 -4.02 -28.35
C LEU A 93 -23.23 -4.30 -29.69
N PRO A 94 -22.60 -5.13 -30.55
CA PRO A 94 -23.21 -5.43 -31.85
C PRO A 94 -24.53 -6.19 -31.72
N ILE A 95 -24.61 -7.14 -30.76
CA ILE A 95 -25.82 -7.95 -30.48
C ILE A 95 -26.23 -7.79 -29.01
N ALA A 96 -27.54 -7.66 -28.75
CA ALA A 96 -28.11 -7.54 -27.39
C ALA A 96 -27.82 -8.87 -26.63
N LEU A 97 -27.38 -8.78 -25.37
CA LEU A 97 -27.05 -9.97 -24.56
C LEU A 97 -28.13 -10.32 -23.57
N SER A 98 -28.34 -11.62 -23.37
CA SER A 98 -29.31 -12.08 -22.38
C SER A 98 -28.54 -12.25 -21.05
N LYS A 99 -29.28 -12.42 -19.93
CA LYS A 99 -28.63 -12.60 -18.61
C LYS A 99 -27.72 -13.83 -18.63
N ASN A 100 -26.49 -13.68 -18.11
CA ASN A 100 -25.43 -14.71 -18.01
C ASN A 100 -24.65 -14.97 -19.29
N GLN A 101 -25.05 -14.33 -20.41
CA GLN A 101 -24.33 -14.49 -21.66
C GLN A 101 -22.98 -13.79 -21.57
N GLU A 102 -21.94 -14.43 -22.12
CA GLU A 102 -20.60 -13.88 -22.11
C GLU A 102 -20.13 -13.53 -23.49
N ILE A 103 -19.35 -12.46 -23.59
CA ILE A 103 -18.73 -12.01 -24.84
C ILE A 103 -17.31 -11.55 -24.57
N VAL A 104 -16.48 -11.57 -25.61
CA VAL A 104 -15.10 -11.10 -25.51
C VAL A 104 -14.99 -9.77 -26.23
N ILE A 105 -14.52 -8.74 -25.52
CA ILE A 105 -14.34 -7.39 -26.06
C ILE A 105 -12.84 -7.08 -26.09
N GLU A 106 -12.28 -6.94 -27.30
CA GLU A 106 -10.87 -6.65 -27.50
C GLU A 106 -10.64 -5.16 -27.78
N ILE A 107 -10.01 -4.47 -26.81
CA ILE A 107 -9.72 -3.03 -26.89
C ILE A 107 -8.24 -2.78 -27.20
N SER A 108 -7.94 -2.04 -28.29
CA SER A 108 -6.58 -1.67 -28.66
C SER A 108 -6.35 -0.31 -28.05
N PHE A 109 -5.35 -0.22 -27.19
CA PHE A 109 -5.08 0.98 -26.40
C PHE A 109 -3.59 1.30 -26.35
N GLU A 110 -3.29 2.51 -25.89
CA GLU A 110 -1.95 3.02 -25.63
C GLU A 110 -2.04 3.89 -24.37
N THR A 111 -1.06 3.78 -23.47
CA THR A 111 -1.07 4.60 -22.28
C THR A 111 -0.39 5.93 -22.58
N SER A 112 -0.64 6.92 -21.73
CA SER A 112 0.02 8.23 -21.75
C SER A 112 1.33 8.15 -20.95
N PRO A 113 2.41 8.88 -21.34
CA PRO A 113 3.63 8.91 -20.49
C PRO A 113 3.37 9.41 -19.08
N LYS A 114 2.31 10.19 -18.90
CA LYS A 114 1.89 10.77 -17.62
C LYS A 114 0.89 9.89 -16.84
N SER A 115 0.69 8.62 -17.29
CA SER A 115 -0.22 7.69 -16.58
C SER A 115 0.07 7.71 -15.08
N SER A 116 -0.99 7.94 -14.28
CA SER A 116 -0.84 8.01 -12.82
C SER A 116 -0.54 6.67 -12.19
N ALA A 117 -0.69 5.58 -12.95
CA ALA A 117 -0.39 4.22 -12.47
C ALA A 117 1.09 3.89 -12.58
N LEU A 118 1.82 4.61 -13.45
CA LEU A 118 3.17 4.23 -13.80
C LEU A 118 4.26 5.18 -13.43
N GLN A 119 5.45 4.64 -13.18
CA GLN A 119 6.63 5.48 -13.07
C GLN A 119 7.63 4.95 -14.07
N TRP A 120 8.10 5.82 -14.96
CA TRP A 120 9.13 5.47 -15.94
C TRP A 120 10.44 6.04 -15.41
N LEU A 121 11.45 5.17 -15.22
CA LEU A 121 12.74 5.61 -14.73
C LEU A 121 13.80 5.57 -15.80
N THR A 122 14.64 6.62 -15.81
CA THR A 122 15.78 6.66 -16.73
C THR A 122 16.89 5.79 -16.11
N PRO A 123 17.91 5.34 -16.88
CA PRO A 123 19.02 4.56 -16.28
C PRO A 123 19.67 5.21 -15.04
N GLU A 124 19.77 6.55 -15.04
CA GLU A 124 20.34 7.35 -13.94
C GLU A 124 19.56 7.23 -12.64
N GLN A 125 18.24 6.94 -12.72
CA GLN A 125 17.36 6.78 -11.56
C GLN A 125 17.37 5.32 -11.04
N THR A 126 18.17 4.43 -11.65
CA THR A 126 18.26 3.00 -11.26
C THR A 126 19.57 2.72 -10.50
N SER A 127 19.74 1.51 -9.93
CA SER A 127 20.96 1.13 -9.23
C SER A 127 22.12 0.87 -10.20
N GLY A 128 21.81 0.17 -11.29
CA GLY A 128 22.79 -0.24 -12.29
C GLY A 128 23.28 0.83 -13.23
N LYS A 129 22.45 1.88 -13.48
CA LYS A 129 22.78 3.02 -14.35
C LYS A 129 22.93 2.70 -15.86
N GLU A 130 22.59 1.47 -16.27
CA GLU A 130 22.73 1.04 -17.67
C GLU A 130 21.41 0.83 -18.37
N HIS A 131 20.34 0.53 -17.61
CA HIS A 131 19.03 0.21 -18.18
C HIS A 131 17.89 1.02 -17.56
N PRO A 132 16.83 1.33 -18.35
CA PRO A 132 15.68 2.03 -17.76
C PRO A 132 14.84 1.05 -16.91
N TYR A 133 13.76 1.54 -16.31
CA TYR A 133 12.94 0.71 -15.44
C TYR A 133 11.50 1.23 -15.46
N LEU A 134 10.55 0.34 -15.30
CA LEU A 134 9.15 0.72 -15.23
C LEU A 134 8.48 -0.05 -14.08
N PHE A 135 7.63 0.61 -13.31
CA PHE A 135 6.80 -0.11 -12.34
C PHE A 135 5.40 0.46 -12.26
N SER A 136 4.41 -0.39 -11.94
CA SER A 136 3.03 0.08 -11.77
C SER A 136 2.66 0.12 -10.31
N GLN A 137 1.57 0.83 -10.01
CA GLN A 137 0.95 0.94 -8.70
C GLN A 137 -0.53 1.29 -8.94
N CYS A 138 -1.39 0.27 -8.98
CA CYS A 138 -2.81 0.45 -9.29
C CYS A 138 -3.72 0.85 -8.17
N GLN A 139 -3.42 0.38 -6.91
CA GLN A 139 -4.26 0.73 -5.76
C GLN A 139 -4.24 2.27 -5.50
N ALA A 140 -5.40 2.94 -5.35
CA ALA A 140 -6.77 2.40 -5.38
C ALA A 140 -7.35 2.30 -6.77
N ILE A 141 -7.37 3.42 -7.52
CA ILE A 141 -8.08 3.53 -8.80
C ILE A 141 -7.18 3.95 -9.98
N HIS A 142 -5.98 3.38 -10.06
CA HIS A 142 -5.04 3.67 -11.14
C HIS A 142 -5.00 2.61 -12.23
N CYS A 143 -5.67 1.44 -12.04
CA CYS A 143 -5.68 0.42 -13.12
C CYS A 143 -6.26 0.99 -14.40
N ARG A 144 -7.25 1.94 -14.29
CA ARG A 144 -7.89 2.61 -15.42
C ARG A 144 -6.88 3.47 -16.22
N ALA A 145 -5.73 3.80 -15.61
CA ALA A 145 -4.67 4.58 -16.28
C ALA A 145 -3.67 3.64 -17.02
N ILE A 146 -3.86 2.31 -16.94
CA ILE A 146 -3.07 1.31 -17.67
C ILE A 146 -3.94 0.69 -18.76
N LEU A 147 -5.17 0.31 -18.42
CA LEU A 147 -6.05 -0.38 -19.36
C LEU A 147 -7.54 -0.09 -19.12
N PRO A 148 -8.40 -0.19 -20.17
CA PRO A 148 -9.85 0.02 -19.96
C PRO A 148 -10.40 -1.14 -19.16
N CYS A 149 -11.14 -0.86 -18.08
CA CYS A 149 -11.67 -1.89 -17.19
C CYS A 149 -12.82 -1.36 -16.36
N GLN A 150 -13.50 -2.24 -15.60
CA GLN A 150 -14.47 -1.83 -14.57
C GLN A 150 -13.56 -1.69 -13.35
N ASP A 151 -13.02 -0.49 -13.15
CA ASP A 151 -12.00 -0.26 -12.11
C ASP A 151 -12.61 -0.10 -10.71
N THR A 152 -13.10 -1.22 -10.16
CA THR A 152 -13.83 -1.29 -8.90
C THR A 152 -13.50 -2.60 -8.21
N PRO A 153 -13.22 -2.58 -6.88
CA PRO A 153 -12.91 -3.84 -6.18
C PRO A 153 -14.12 -4.78 -6.05
N SER A 154 -15.33 -4.33 -6.47
CA SER A 154 -16.56 -5.13 -6.44
C SER A 154 -16.61 -6.18 -7.55
N VAL A 155 -15.67 -6.11 -8.52
CA VAL A 155 -15.57 -7.04 -9.65
C VAL A 155 -14.24 -7.79 -9.53
N LYS A 156 -14.27 -9.13 -9.58
CA LYS A 156 -13.06 -9.96 -9.52
C LYS A 156 -12.96 -10.76 -10.78
N LEU A 157 -11.74 -10.81 -11.33
CA LEU A 157 -11.42 -11.49 -12.60
C LEU A 157 -10.10 -12.21 -12.53
N THR A 158 -9.95 -13.21 -13.40
CA THR A 158 -8.67 -13.91 -13.58
C THR A 158 -7.99 -13.21 -14.74
N TYR A 159 -6.69 -13.42 -14.92
CA TYR A 159 -6.01 -12.82 -16.05
C TYR A 159 -4.88 -13.64 -16.60
N THR A 160 -4.62 -13.42 -17.90
CA THR A 160 -3.46 -14.00 -18.58
C THR A 160 -2.80 -12.82 -19.25
N ALA A 161 -1.48 -12.82 -19.37
CA ALA A 161 -0.81 -11.70 -20.05
C ALA A 161 0.45 -12.12 -20.75
N GLU A 162 0.73 -11.49 -21.89
CA GLU A 162 1.94 -11.65 -22.69
C GLU A 162 2.52 -10.24 -22.88
N VAL A 163 3.73 -10.02 -22.35
CA VAL A 163 4.37 -8.70 -22.33
C VAL A 163 5.67 -8.70 -23.13
N SER A 164 5.73 -7.87 -24.19
CA SER A 164 6.94 -7.75 -25.01
C SER A 164 7.81 -6.65 -24.46
N VAL A 165 9.08 -6.95 -24.20
CA VAL A 165 10.03 -5.97 -23.63
C VAL A 165 11.36 -6.05 -24.37
N PRO A 166 12.25 -5.01 -24.33
CA PRO A 166 13.61 -5.18 -24.88
C PRO A 166 14.27 -6.42 -24.25
N LYS A 167 14.90 -7.29 -25.07
CA LYS A 167 15.50 -8.57 -24.64
C LYS A 167 16.46 -8.59 -23.43
N GLU A 168 17.12 -7.46 -23.13
CA GLU A 168 18.03 -7.36 -22.00
C GLU A 168 17.33 -7.09 -20.66
N LEU A 169 16.01 -6.91 -20.69
CA LEU A 169 15.19 -6.63 -19.51
C LEU A 169 14.28 -7.80 -19.15
N VAL A 170 13.74 -7.78 -17.93
CA VAL A 170 12.87 -8.82 -17.39
C VAL A 170 11.55 -8.19 -17.02
N ALA A 171 10.44 -8.87 -17.34
CA ALA A 171 9.12 -8.43 -16.94
C ALA A 171 8.62 -9.38 -15.86
N LEU A 172 7.92 -8.82 -14.85
CA LEU A 172 7.27 -9.59 -13.79
C LEU A 172 5.87 -8.99 -13.60
N MET A 173 4.93 -9.82 -13.19
CA MET A 173 3.54 -9.41 -12.90
C MET A 173 3.02 -10.05 -11.63
N SER A 174 1.84 -9.60 -11.18
CA SER A 174 1.13 -10.15 -10.02
C SER A 174 0.42 -11.45 -10.44
N ALA A 175 1.24 -12.43 -10.85
CA ALA A 175 0.76 -13.68 -11.43
C ALA A 175 1.88 -14.71 -11.45
N ILE A 176 1.56 -15.94 -11.86
CA ILE A 176 2.55 -17.02 -11.96
C ILE A 176 3.28 -16.86 -13.30
N ARG A 177 4.63 -16.90 -13.27
CA ARG A 177 5.46 -16.81 -14.47
C ARG A 177 5.18 -18.03 -15.31
N ASP A 178 4.89 -17.83 -16.59
CA ASP A 178 4.50 -18.91 -17.49
C ASP A 178 5.40 -19.05 -18.71
N GLY A 179 6.66 -18.68 -18.53
CA GLY A 179 7.65 -18.80 -19.59
C GLY A 179 8.03 -17.50 -20.27
N GLU A 180 9.07 -17.61 -21.11
CA GLU A 180 9.64 -16.53 -21.89
C GLU A 180 10.14 -17.10 -23.22
N THR A 181 10.05 -16.29 -24.27
CA THR A 181 10.51 -16.65 -25.61
C THR A 181 11.01 -15.37 -26.29
N PRO A 182 11.84 -15.48 -27.37
CA PRO A 182 12.14 -14.27 -28.15
C PRO A 182 10.82 -13.82 -28.77
N ASP A 183 10.65 -12.51 -29.01
CA ASP A 183 9.42 -12.01 -29.60
C ASP A 183 9.42 -12.50 -31.07
N PRO A 184 8.44 -13.33 -31.51
CA PRO A 184 8.44 -13.79 -32.91
C PRO A 184 8.20 -12.66 -33.91
N GLU A 185 7.90 -11.42 -33.45
CA GLU A 185 7.66 -10.27 -34.32
C GLU A 185 8.84 -9.30 -34.35
N ASP A 186 9.77 -9.40 -33.38
CA ASP A 186 10.95 -8.53 -33.25
C ASP A 186 12.03 -9.26 -32.45
N PRO A 187 13.15 -9.71 -33.09
CA PRO A 187 14.22 -10.40 -32.33
C PRO A 187 15.03 -9.56 -31.34
N SER A 188 14.81 -8.24 -31.29
CA SER A 188 15.48 -7.37 -30.31
C SER A 188 14.67 -7.38 -28.96
N ARG A 189 13.56 -8.15 -28.92
CA ARG A 189 12.65 -8.20 -27.77
C ARG A 189 12.37 -9.62 -27.28
N LYS A 190 11.84 -9.73 -26.06
CA LYS A 190 11.41 -10.97 -25.45
C LYS A 190 9.96 -10.81 -25.04
N ILE A 191 9.23 -11.91 -25.08
CA ILE A 191 7.87 -11.99 -24.58
C ILE A 191 7.91 -12.80 -23.27
N TYR A 192 7.34 -12.22 -22.21
CA TYR A 192 7.19 -12.87 -20.91
C TYR A 192 5.71 -13.14 -20.74
N LYS A 193 5.37 -14.37 -20.34
CA LYS A 193 3.99 -14.81 -20.19
C LYS A 193 3.63 -14.98 -18.73
N PHE A 194 2.36 -14.70 -18.40
CA PHE A 194 1.86 -14.73 -17.02
C PHE A 194 0.47 -15.30 -16.91
N ILE A 195 0.17 -15.93 -15.75
CA ILE A 195 -1.16 -16.49 -15.51
C ILE A 195 -1.61 -16.25 -14.08
N GLN A 196 -2.78 -15.66 -13.91
CA GLN A 196 -3.37 -15.45 -12.60
C GLN A 196 -4.70 -16.18 -12.61
N LYS A 197 -4.70 -17.40 -12.06
CA LYS A 197 -5.90 -18.27 -12.06
C LYS A 197 -6.85 -18.02 -10.88
N VAL A 198 -6.42 -17.22 -9.89
CA VAL A 198 -7.28 -16.92 -8.75
C VAL A 198 -7.98 -15.59 -9.10
N PRO A 199 -9.34 -15.45 -8.97
CA PRO A 199 -9.99 -14.17 -9.29
C PRO A 199 -9.57 -13.05 -8.34
N ILE A 200 -9.22 -11.91 -8.93
CA ILE A 200 -8.76 -10.71 -8.21
C ILE A 200 -9.47 -9.44 -8.64
N PRO A 201 -9.53 -8.44 -7.73
CA PRO A 201 -9.97 -7.10 -8.14
C PRO A 201 -8.84 -6.52 -9.02
N CYS A 202 -9.19 -5.66 -9.98
CA CYS A 202 -8.17 -5.14 -10.90
C CYS A 202 -7.10 -4.24 -10.27
N TYR A 203 -7.31 -3.72 -9.03
CA TYR A 203 -6.25 -2.87 -8.43
C TYR A 203 -5.02 -3.71 -8.08
N LEU A 204 -5.16 -5.04 -8.12
CA LEU A 204 -4.09 -6.00 -7.80
C LEU A 204 -3.26 -6.39 -9.04
N ILE A 205 -3.62 -5.84 -10.22
CA ILE A 205 -2.86 -6.06 -11.46
C ILE A 205 -1.58 -5.23 -11.31
N ALA A 206 -0.42 -5.84 -11.59
CA ALA A 206 0.86 -5.13 -11.41
C ALA A 206 1.85 -5.58 -12.43
N LEU A 207 2.72 -4.65 -12.83
CA LEU A 207 3.77 -4.89 -13.82
C LEU A 207 5.04 -4.16 -13.43
N VAL A 208 6.18 -4.83 -13.63
CA VAL A 208 7.51 -4.25 -13.46
C VAL A 208 8.35 -4.68 -14.64
N VAL A 209 9.14 -3.77 -15.22
CA VAL A 209 10.07 -4.12 -16.29
C VAL A 209 11.43 -3.47 -15.96
N GLY A 210 12.48 -4.28 -15.88
CA GLY A 210 13.81 -3.78 -15.52
C GLY A 210 14.90 -4.82 -15.59
N ALA A 211 16.14 -4.43 -15.24
CA ALA A 211 17.27 -5.37 -15.25
C ALA A 211 17.24 -6.07 -13.89
N LEU A 212 16.35 -7.06 -13.76
CA LEU A 212 16.09 -7.78 -12.51
C LEU A 212 16.77 -9.14 -12.41
N GLU A 213 17.29 -9.44 -11.22
CA GLU A 213 17.92 -10.72 -10.90
C GLU A 213 17.16 -11.29 -9.71
N SER A 214 17.24 -12.60 -9.53
CA SER A 214 16.52 -13.25 -8.44
C SER A 214 17.41 -14.17 -7.64
N ARG A 215 17.00 -14.40 -6.40
CA ARG A 215 17.64 -15.34 -5.52
C ARG A 215 16.54 -16.06 -4.76
N GLN A 216 16.66 -17.39 -4.64
CA GLN A 216 15.70 -18.15 -3.86
C GLN A 216 15.98 -17.97 -2.36
N ILE A 217 14.92 -17.71 -1.58
CA ILE A 217 15.07 -17.55 -0.11
C ILE A 217 14.13 -18.48 0.70
N GLY A 218 13.31 -19.25 0.01
CA GLY A 218 12.37 -20.17 0.62
C GLY A 218 11.82 -21.16 -0.38
N PRO A 219 11.01 -22.17 0.03
CA PRO A 219 10.47 -23.14 -0.96
C PRO A 219 9.48 -22.56 -1.97
N ARG A 220 8.87 -21.42 -1.66
CA ARG A 220 7.91 -20.81 -2.61
C ARG A 220 8.21 -19.32 -2.76
N THR A 221 9.46 -18.92 -2.48
CA THR A 221 9.85 -17.51 -2.50
C THR A 221 11.15 -17.19 -3.16
N LEU A 222 11.07 -16.28 -4.12
CA LEU A 222 12.25 -15.66 -4.73
C LEU A 222 12.21 -14.21 -4.36
N VAL A 223 13.40 -13.64 -4.16
CA VAL A 223 13.49 -12.21 -3.96
C VAL A 223 14.04 -11.67 -5.30
N TRP A 224 13.42 -10.60 -5.82
CA TRP A 224 13.78 -9.95 -7.08
C TRP A 224 14.18 -8.52 -6.80
N SER A 225 15.25 -8.05 -7.47
CA SER A 225 15.75 -6.67 -7.39
CA SER A 225 15.75 -6.67 -7.40
C SER A 225 16.84 -6.49 -8.43
N GLU A 226 17.40 -5.27 -8.53
CA GLU A 226 18.53 -5.05 -9.41
C GLU A 226 19.70 -5.80 -8.71
N LYS A 227 20.72 -6.26 -9.47
CA LYS A 227 21.87 -7.01 -8.95
C LYS A 227 22.45 -6.46 -7.62
N GLU A 228 22.57 -5.13 -7.52
CA GLU A 228 23.15 -4.42 -6.36
C GLU A 228 22.43 -4.66 -5.05
N GLN A 229 21.13 -4.98 -5.09
CA GLN A 229 20.33 -5.16 -3.87
C GLN A 229 19.97 -6.61 -3.55
N VAL A 230 20.28 -7.57 -4.45
CA VAL A 230 19.90 -8.98 -4.27
C VAL A 230 20.42 -9.59 -2.96
N GLU A 231 21.74 -9.49 -2.72
CA GLU A 231 22.34 -10.10 -1.52
C GLU A 231 21.73 -9.54 -0.21
N LYS A 232 21.64 -8.21 -0.07
CA LYS A 232 21.06 -7.54 1.10
C LYS A 232 19.59 -7.91 1.28
N SER A 233 18.82 -7.95 0.18
CA SER A 233 17.39 -8.31 0.22
C SER A 233 17.15 -9.75 0.67
N ALA A 234 17.99 -10.70 0.21
CA ALA A 234 17.84 -12.11 0.57
C ALA A 234 17.98 -12.30 2.09
N TYR A 235 18.92 -11.56 2.69
CA TYR A 235 19.17 -11.60 4.13
C TYR A 235 18.04 -10.92 4.89
N GLU A 236 17.67 -9.69 4.49
CA GLU A 236 16.66 -8.88 5.18
C GLU A 236 15.32 -9.60 5.28
N PHE A 237 14.96 -10.33 4.22
CA PHE A 237 13.66 -11.00 4.14
C PHE A 237 13.71 -12.51 4.34
N SER A 238 14.76 -13.01 4.99
CA SER A 238 14.93 -14.46 5.25
C SER A 238 13.85 -15.13 6.13
N GLU A 239 13.12 -14.34 6.97
CA GLU A 239 12.03 -14.85 7.83
C GLU A 239 10.72 -15.05 7.06
N THR A 240 10.65 -14.67 5.75
CA THR A 240 9.43 -14.78 4.90
C THR A 240 8.71 -16.13 5.01
N GLU A 241 9.41 -17.25 4.76
CA GLU A 241 8.76 -18.57 4.85
C GLU A 241 8.14 -18.85 6.23
N SER A 242 8.87 -18.54 7.34
CA SER A 242 8.36 -18.76 8.69
CA SER A 242 8.35 -18.74 8.70
C SER A 242 7.08 -17.93 8.90
N MET A 243 7.02 -16.71 8.34
CA MET A 243 5.82 -15.86 8.45
C MET A 243 4.66 -16.45 7.65
N LEU A 244 4.97 -16.99 6.45
CA LEU A 244 3.93 -17.61 5.61
C LEU A 244 3.31 -18.81 6.32
N LYS A 245 4.16 -19.62 6.98
CA LYS A 245 3.67 -20.79 7.72
C LYS A 245 2.71 -20.36 8.88
N ILE A 246 3.06 -19.28 9.62
CA ILE A 246 2.19 -18.77 10.71
C ILE A 246 0.88 -18.23 10.11
N ALA A 247 0.98 -17.44 9.04
CA ALA A 247 -0.20 -16.88 8.38
C ALA A 247 -1.14 -17.99 7.89
N GLU A 248 -0.59 -19.11 7.34
CA GLU A 248 -1.44 -20.24 6.89
C GLU A 248 -2.17 -20.85 8.07
N ASP A 249 -1.50 -20.94 9.23
CA ASP A 249 -2.09 -21.46 10.45
C ASP A 249 -3.21 -20.56 10.94
N LEU A 250 -3.06 -19.23 10.80
CA LEU A 250 -4.07 -18.26 11.21
C LEU A 250 -5.23 -18.05 10.24
N GLY A 251 -4.96 -18.06 8.94
CA GLY A 251 -5.99 -17.76 7.96
C GLY A 251 -6.41 -18.89 7.05
N GLY A 252 -5.75 -20.01 7.15
CA GLY A 252 -6.07 -21.12 6.27
C GLY A 252 -5.11 -21.20 5.09
N PRO A 253 -5.35 -22.13 4.16
CA PRO A 253 -4.41 -22.30 3.04
C PRO A 253 -4.04 -21.07 2.25
N TYR A 254 -2.76 -20.98 1.89
CA TYR A 254 -2.22 -19.97 0.98
C TYR A 254 -2.62 -20.50 -0.43
N VAL A 255 -3.51 -19.79 -1.13
CA VAL A 255 -4.05 -20.29 -2.42
C VAL A 255 -3.31 -19.79 -3.67
N TRP A 256 -2.34 -18.90 -3.49
CA TRP A 256 -1.69 -18.17 -4.57
C TRP A 256 -0.52 -18.82 -5.27
N GLY A 257 -0.10 -19.98 -4.79
CA GLY A 257 1.03 -20.73 -5.32
C GLY A 257 2.35 -20.21 -4.77
N GLN A 258 2.88 -19.19 -5.43
CA GLN A 258 4.15 -18.54 -5.13
C GLN A 258 3.95 -17.31 -4.25
N TYR A 259 4.98 -16.97 -3.45
CA TYR A 259 5.04 -15.73 -2.70
C TYR A 259 6.42 -15.13 -2.97
N ASP A 260 6.54 -14.33 -4.01
CA ASP A 260 7.82 -13.69 -4.32
C ASP A 260 7.79 -12.27 -3.78
N LEU A 261 8.98 -11.69 -3.65
CA LEU A 261 9.17 -10.29 -3.21
C LEU A 261 9.97 -9.53 -4.27
N LEU A 262 9.55 -8.31 -4.56
CA LEU A 262 10.22 -7.42 -5.49
C LEU A 262 10.64 -6.18 -4.71
N VAL A 263 11.94 -5.89 -4.71
CA VAL A 263 12.47 -4.73 -4.01
C VAL A 263 12.63 -3.67 -5.08
N LEU A 264 11.79 -2.66 -5.03
CA LEU A 264 11.74 -1.62 -6.05
C LEU A 264 12.84 -0.56 -5.89
N PRO A 265 12.98 0.36 -6.88
CA PRO A 265 13.91 1.49 -6.72
C PRO A 265 13.36 2.41 -5.62
N PRO A 266 14.18 3.36 -5.10
CA PRO A 266 13.76 4.16 -3.93
C PRO A 266 12.53 5.05 -4.04
N SER A 267 12.07 5.35 -5.28
CA SER A 267 10.89 6.17 -5.52
C SER A 267 9.59 5.43 -5.33
N PHE A 268 9.64 4.11 -5.00
CA PHE A 268 8.39 3.37 -4.75
C PHE A 268 7.62 4.11 -3.62
N PRO A 269 6.37 4.58 -3.90
CA PRO A 269 5.69 5.47 -2.93
C PRO A 269 5.14 4.85 -1.65
N TYR A 270 5.05 3.52 -1.59
CA TYR A 270 4.54 2.86 -0.39
C TYR A 270 5.58 1.93 0.26
N GLY A 271 5.28 1.45 1.49
CA GLY A 271 6.14 0.50 2.20
C GLY A 271 6.08 -0.85 1.53
N GLY A 272 4.87 -1.25 1.22
CA GLY A 272 4.62 -2.51 0.51
C GLY A 272 3.31 -2.49 -0.25
N MET A 273 3.20 -3.29 -1.29
CA MET A 273 1.95 -3.41 -2.02
C MET A 273 1.75 -4.91 -2.20
N GLU A 274 0.63 -5.43 -1.70
CA GLU A 274 0.29 -6.86 -1.64
C GLU A 274 -0.13 -7.48 -2.98
N ASN A 275 0.59 -7.15 -4.05
CA ASN A 275 0.26 -7.69 -5.37
C ASN A 275 0.37 -9.23 -5.33
N PRO A 276 -0.67 -9.96 -5.74
CA PRO A 276 -0.66 -11.43 -5.56
C PRO A 276 0.48 -12.10 -6.31
N CYS A 277 1.20 -13.03 -5.63
CA CYS A 277 2.36 -13.78 -6.15
C CYS A 277 3.64 -12.96 -6.14
N LEU A 278 3.54 -11.62 -6.10
CA LEU A 278 4.68 -10.73 -6.19
C LEU A 278 4.50 -9.45 -5.36
N THR A 279 4.80 -9.52 -4.06
CA THR A 279 4.72 -8.34 -3.19
C THR A 279 5.79 -7.34 -3.62
N PHE A 280 5.42 -6.07 -3.70
CA PHE A 280 6.33 -4.97 -4.03
C PHE A 280 6.73 -4.34 -2.72
N VAL A 281 8.04 -4.10 -2.53
CA VAL A 281 8.51 -3.46 -1.30
C VAL A 281 9.45 -2.29 -1.58
N THR A 282 9.48 -1.33 -0.64
CA THR A 282 10.39 -0.21 -0.70
C THR A 282 11.83 -0.68 -0.33
N PRO A 283 12.90 -0.15 -0.98
CA PRO A 283 14.25 -0.50 -0.52
C PRO A 283 14.57 0.11 0.85
N THR A 284 13.69 1.03 1.36
CA THR A 284 13.88 1.61 2.71
C THR A 284 13.71 0.57 3.84
N LEU A 285 13.28 -0.66 3.53
CA LEU A 285 13.23 -1.75 4.53
C LEU A 285 14.61 -2.37 4.74
N LEU A 286 15.58 -2.12 3.84
CA LEU A 286 16.91 -2.74 3.92
C LEU A 286 17.78 -2.14 5.04
N ALA A 287 17.34 -2.34 6.29
CA ALA A 287 17.98 -1.81 7.49
C ALA A 287 19.28 -2.56 7.87
N GLY A 288 19.41 -3.80 7.40
CA GLY A 288 20.57 -4.65 7.67
C GLY A 288 20.42 -5.59 8.86
N ASP A 289 19.31 -5.52 9.61
CA ASP A 289 19.12 -6.35 10.81
C ASP A 289 17.72 -7.01 10.88
N LYS A 290 16.93 -6.93 9.77
CA LYS A 290 15.57 -7.51 9.67
C LYS A 290 14.53 -6.78 10.54
N SER A 291 14.89 -5.64 11.18
CA SER A 291 14.00 -4.88 12.09
C SER A 291 12.74 -4.31 11.45
N LEU A 292 12.72 -4.16 10.13
CA LEU A 292 11.53 -3.61 9.45
C LEU A 292 10.71 -4.70 8.72
N SER A 293 10.90 -5.97 9.14
CA SER A 293 10.24 -7.14 8.56
C SER A 293 8.74 -7.24 8.79
N ASN A 294 8.17 -6.40 9.70
CA ASN A 294 6.73 -6.40 9.94
C ASN A 294 5.97 -5.98 8.68
N VAL A 295 6.64 -5.22 7.79
CA VAL A 295 6.05 -4.81 6.51
C VAL A 295 5.81 -6.08 5.68
N ILE A 296 6.75 -7.05 5.74
CA ILE A 296 6.54 -8.32 5.01
C ILE A 296 5.37 -9.10 5.64
N ALA A 297 5.31 -9.13 6.98
CA ALA A 297 4.23 -9.83 7.71
C ALA A 297 2.87 -9.22 7.30
N HIS A 298 2.82 -7.88 7.18
CA HIS A 298 1.64 -7.17 6.73
C HIS A 298 1.27 -7.59 5.29
N GLU A 299 2.23 -7.57 4.34
CA GLU A 299 1.92 -7.93 2.95
C GLU A 299 1.48 -9.39 2.80
N ILE A 300 2.14 -10.29 3.56
CA ILE A 300 1.78 -11.71 3.58
C ILE A 300 0.32 -11.83 4.05
N SER A 301 -0.05 -11.13 5.14
CA SER A 301 -1.41 -11.21 5.71
C SER A 301 -2.48 -10.82 4.67
N HIS A 302 -2.17 -9.84 3.79
CA HIS A 302 -3.11 -9.41 2.74
C HIS A 302 -3.50 -10.54 1.78
N SER A 303 -2.71 -11.63 1.72
CA SER A 303 -3.04 -12.81 0.88
C SER A 303 -4.38 -13.44 1.33
N TRP A 304 -4.82 -13.11 2.55
CA TRP A 304 -6.11 -13.53 3.10
C TRP A 304 -7.05 -12.30 3.19
N THR A 305 -6.67 -11.29 3.97
CA THR A 305 -7.51 -10.09 4.21
C THR A 305 -7.15 -8.94 3.24
N GLY A 306 -7.92 -8.83 2.18
CA GLY A 306 -7.73 -7.86 1.11
C GLY A 306 -7.73 -8.57 -0.22
N ASN A 307 -6.83 -9.59 -0.41
CA ASN A 307 -6.73 -10.30 -1.69
C ASN A 307 -7.77 -11.39 -1.88
N LEU A 308 -8.15 -12.11 -0.81
CA LEU A 308 -9.17 -13.17 -0.84
C LEU A 308 -10.51 -12.55 -0.48
N VAL A 309 -10.58 -11.87 0.70
CA VAL A 309 -11.78 -11.14 1.16
C VAL A 309 -11.45 -9.69 0.82
N THR A 310 -12.20 -9.11 -0.13
CA THR A 310 -11.93 -7.74 -0.59
C THR A 310 -13.02 -6.76 -0.16
N ASN A 311 -12.65 -5.50 0.06
CA ASN A 311 -13.62 -4.43 0.35
C ASN A 311 -14.42 -4.17 -0.95
N LYS A 312 -15.75 -4.09 -0.87
CA LYS A 312 -16.65 -3.91 -2.02
C LYS A 312 -16.45 -2.57 -2.71
N THR A 313 -16.21 -1.52 -1.93
CA THR A 313 -15.91 -0.18 -2.43
C THR A 313 -14.80 0.37 -1.53
N TRP A 314 -14.18 1.46 -1.96
CA TRP A 314 -13.12 2.10 -1.20
C TRP A 314 -13.57 2.76 0.10
N ASP A 315 -14.88 2.95 0.28
CA ASP A 315 -15.46 3.46 1.52
C ASP A 315 -15.22 2.44 2.67
N HIS A 316 -15.08 1.14 2.33
CA HIS A 316 -14.94 0.04 3.30
C HIS A 316 -13.54 -0.51 3.37
N PHE A 317 -12.55 0.31 2.93
CA PHE A 317 -11.11 0.01 2.90
C PHE A 317 -10.59 -0.46 4.25
N TRP A 318 -11.14 0.05 5.37
CA TRP A 318 -10.72 -0.43 6.72
C TRP A 318 -10.81 -1.95 6.85
N LEU A 319 -11.77 -2.59 6.14
CA LEU A 319 -11.92 -4.04 6.20
C LEU A 319 -10.64 -4.72 5.76
N ASN A 320 -10.02 -4.20 4.67
CA ASN A 320 -8.73 -4.70 4.15
C ASN A 320 -7.62 -4.43 5.14
N GLU A 321 -7.46 -3.16 5.54
CA GLU A 321 -6.34 -2.78 6.40
C GLU A 321 -6.37 -3.20 7.84
N GLY A 322 -7.53 -3.01 8.50
CA GLY A 322 -7.72 -3.33 9.90
C GLY A 322 -7.48 -4.79 10.20
N HIS A 323 -8.06 -5.69 9.39
CA HIS A 323 -7.89 -7.14 9.57
C HIS A 323 -6.44 -7.57 9.26
N THR A 324 -5.80 -6.91 8.27
CA THR A 324 -4.40 -7.22 7.89
C THR A 324 -3.47 -6.83 9.04
N VAL A 325 -3.64 -5.62 9.61
CA VAL A 325 -2.78 -5.18 10.75
C VAL A 325 -3.00 -6.15 11.90
N TYR A 326 -4.28 -6.54 12.13
CA TYR A 326 -4.63 -7.52 13.18
C TYR A 326 -3.87 -8.85 12.98
N LEU A 327 -3.92 -9.40 11.76
CA LEU A 327 -3.19 -10.64 11.46
C LEU A 327 -1.65 -10.46 11.55
N GLU A 328 -1.12 -9.34 10.99
CA GLU A 328 0.33 -9.00 11.01
C GLU A 328 0.85 -9.01 12.47
N ARG A 329 0.14 -8.34 13.38
CA ARG A 329 0.56 -8.28 14.80
C ARG A 329 0.49 -9.64 15.49
N HIS A 330 -0.41 -10.53 15.04
CA HIS A 330 -0.43 -11.92 15.54
C HIS A 330 0.77 -12.70 15.02
N ILE A 331 1.19 -12.47 13.74
CA ILE A 331 2.39 -13.15 13.18
C ILE A 331 3.62 -12.77 14.02
N CYS A 332 3.82 -11.47 14.23
CA CYS A 332 4.94 -10.97 15.02
C CYS A 332 4.84 -11.40 16.51
N GLY A 333 3.61 -11.53 17.03
CA GLY A 333 3.33 -12.07 18.35
C GLY A 333 3.75 -13.54 18.46
N ARG A 334 3.49 -14.34 17.42
CA ARG A 334 3.92 -15.74 17.41
C ARG A 334 5.44 -15.88 17.36
N LEU A 335 6.13 -15.06 16.55
CA LEU A 335 7.59 -15.08 16.40
C LEU A 335 8.36 -14.50 17.56
N PHE A 336 7.85 -13.41 18.13
CA PHE A 336 8.59 -12.69 19.16
C PHE A 336 8.01 -12.64 20.57
N GLY A 337 6.75 -13.07 20.72
CA GLY A 337 6.07 -13.08 22.00
C GLY A 337 4.91 -12.11 22.10
N GLU A 338 3.99 -12.42 23.00
CA GLU A 338 2.78 -11.62 23.22
C GLU A 338 3.10 -10.20 23.72
N LYS A 339 4.16 -10.04 24.54
CA LYS A 339 4.58 -8.69 25.01
C LYS A 339 4.94 -7.79 23.82
N PHE A 340 5.53 -8.38 22.78
CA PHE A 340 5.91 -7.65 21.56
C PHE A 340 4.66 -7.26 20.76
N ARG A 341 3.64 -8.15 20.71
CA ARG A 341 2.39 -7.85 20.01
C ARG A 341 1.76 -6.61 20.64
N HIS A 342 1.70 -6.55 21.97
CA HIS A 342 1.16 -5.40 22.71
C HIS A 342 1.96 -4.13 22.48
N PHE A 343 3.31 -4.24 22.43
CA PHE A 343 4.20 -3.11 22.16
C PHE A 343 3.85 -2.51 20.78
N ASN A 344 3.73 -3.38 19.76
CA ASN A 344 3.35 -2.97 18.41
C ASN A 344 1.97 -2.38 18.35
N ALA A 345 1.02 -2.98 19.09
CA ALA A 345 -0.37 -2.50 19.18
C ALA A 345 -0.44 -1.12 19.84
N LEU A 346 0.32 -0.90 20.91
CA LEU A 346 0.33 0.39 21.61
C LEU A 346 1.01 1.46 20.76
N GLY A 347 2.02 1.06 19.98
CA GLY A 347 2.69 1.94 19.03
C GLY A 347 1.70 2.41 17.99
N GLY A 348 0.83 1.50 17.56
CA GLY A 348 -0.24 1.75 16.59
C GLY A 348 -1.27 2.74 17.06
N TRP A 349 -1.62 2.68 18.35
CA TRP A 349 -2.55 3.64 18.98
C TRP A 349 -1.89 5.04 18.90
N GLY A 350 -0.58 5.12 19.17
CA GLY A 350 0.17 6.37 19.09
C GLY A 350 0.14 6.98 17.69
N GLU A 351 0.28 6.13 16.66
CA GLU A 351 0.23 6.56 15.26
C GLU A 351 -1.19 7.06 14.92
N LEU A 352 -2.23 6.45 15.51
CA LEU A 352 -3.63 6.87 15.33
C LEU A 352 -3.82 8.27 15.96
N GLN A 353 -3.25 8.49 17.17
CA GLN A 353 -3.35 9.78 17.86
C GLN A 353 -2.76 10.87 16.96
N ASN A 354 -1.63 10.56 16.32
CA ASN A 354 -0.91 11.46 15.41
C ASN A 354 -1.73 11.81 14.19
N SER A 355 -2.38 10.82 13.54
CA SER A 355 -3.23 11.05 12.36
C SER A 355 -4.44 11.91 12.68
N VAL A 356 -5.10 11.62 13.81
CA VAL A 356 -6.28 12.33 14.28
C VAL A 356 -5.91 13.79 14.62
N LYS A 357 -4.74 14.02 15.23
CA LYS A 357 -4.26 15.37 15.58
C LYS A 357 -3.93 16.18 14.31
N THR A 358 -3.32 15.54 13.30
CA THR A 358 -2.97 16.12 12.00
C THR A 358 -4.23 16.61 11.23
N PHE A 359 -5.23 15.71 11.05
CA PHE A 359 -6.46 16.04 10.31
C PHE A 359 -7.41 16.90 11.14
N GLY A 360 -7.40 16.68 12.45
CA GLY A 360 -8.34 17.31 13.37
C GLY A 360 -9.36 16.26 13.76
N GLU A 361 -9.79 16.26 15.02
CA GLU A 361 -10.70 15.27 15.61
C GLU A 361 -12.12 15.22 15.01
N THR A 362 -12.52 16.24 14.22
CA THR A 362 -13.85 16.29 13.58
C THR A 362 -13.73 16.01 12.06
N HIS A 363 -12.51 15.81 11.54
CA HIS A 363 -12.28 15.58 10.12
C HIS A 363 -12.93 14.28 9.61
N PRO A 364 -13.68 14.36 8.47
CA PRO A 364 -14.33 13.15 7.94
C PRO A 364 -13.40 11.98 7.56
N PHE A 365 -12.11 12.26 7.30
CA PHE A 365 -11.15 11.21 6.96
C PHE A 365 -10.70 10.42 8.20
N THR A 366 -11.12 10.86 9.42
CA THR A 366 -10.80 10.15 10.66
C THR A 366 -11.90 9.14 11.01
N LYS A 367 -12.98 9.11 10.19
CA LYS A 367 -14.07 8.15 10.32
C LYS A 367 -13.52 6.82 9.81
N LEU A 368 -13.96 5.71 10.41
CA LEU A 368 -13.54 4.36 9.99
C LEU A 368 -14.11 4.03 8.61
N VAL A 369 -15.41 4.25 8.43
CA VAL A 369 -16.10 4.10 7.14
C VAL A 369 -16.22 5.53 6.57
N VAL A 370 -15.59 5.80 5.43
CA VAL A 370 -15.58 7.13 4.83
C VAL A 370 -16.50 7.22 3.63
N ASP A 371 -16.98 8.41 3.30
CA ASP A 371 -17.80 8.61 2.11
C ASP A 371 -16.85 9.25 1.09
N LEU A 372 -16.38 8.47 0.13
CA LEU A 372 -15.44 8.96 -0.89
C LEU A 372 -16.04 9.64 -2.13
N THR A 373 -17.35 9.97 -2.10
CA THR A 373 -18.02 10.69 -3.19
C THR A 373 -17.26 12.00 -3.39
N ASP A 374 -16.74 12.19 -4.61
CA ASP A 374 -15.97 13.39 -4.99
C ASP A 374 -14.67 13.60 -4.24
N ILE A 375 -14.10 12.52 -3.67
CA ILE A 375 -12.81 12.54 -2.98
C ILE A 375 -11.84 11.60 -3.72
N ASP A 376 -10.63 12.09 -3.99
CA ASP A 376 -9.59 11.27 -4.60
C ASP A 376 -9.08 10.32 -3.47
N PRO A 377 -9.18 8.97 -3.62
CA PRO A 377 -8.69 8.07 -2.55
C PRO A 377 -7.24 8.32 -2.11
N ASP A 378 -6.36 8.79 -3.03
CA ASP A 378 -4.95 9.10 -2.70
C ASP A 378 -4.82 10.24 -1.67
N VAL A 379 -5.76 11.19 -1.70
CA VAL A 379 -5.87 12.34 -0.79
C VAL A 379 -6.43 11.89 0.58
N ALA A 380 -7.38 10.92 0.59
CA ALA A 380 -7.99 10.42 1.81
C ALA A 380 -7.10 9.43 2.56
N TYR A 381 -6.13 8.80 1.86
CA TYR A 381 -5.25 7.79 2.43
C TYR A 381 -4.46 8.28 3.65
N SER A 382 -4.45 7.47 4.73
CA SER A 382 -3.75 7.75 6.00
C SER A 382 -3.69 6.44 6.85
N SER A 383 -3.20 6.57 8.09
CA SER A 383 -3.07 5.51 9.09
C SER A 383 -4.41 5.14 9.71
N VAL A 384 -5.42 6.01 9.57
CA VAL A 384 -6.76 5.81 10.13
C VAL A 384 -7.36 4.40 9.86
N PRO A 385 -7.57 3.95 8.61
CA PRO A 385 -8.17 2.61 8.40
C PRO A 385 -7.32 1.48 8.99
N TYR A 386 -5.99 1.63 9.03
CA TYR A 386 -5.10 0.61 9.60
C TYR A 386 -5.27 0.56 11.11
N GLU A 387 -5.08 1.71 11.76
CA GLU A 387 -5.01 1.83 13.22
C GLU A 387 -6.32 1.92 13.94
N LYS A 388 -7.29 2.64 13.38
CA LYS A 388 -8.62 2.67 13.96
C LYS A 388 -9.26 1.30 13.72
N GLY A 389 -9.00 0.71 12.55
CA GLY A 389 -9.48 -0.63 12.19
C GLY A 389 -8.91 -1.65 13.14
N PHE A 390 -7.57 -1.61 13.35
CA PHE A 390 -6.90 -2.52 14.28
C PHE A 390 -7.46 -2.33 15.69
N ALA A 391 -7.58 -1.06 16.15
CA ALA A 391 -8.08 -0.74 17.50
C ALA A 391 -9.45 -1.37 17.78
N LEU A 392 -10.36 -1.32 16.81
CA LEU A 392 -11.69 -1.94 16.91
C LEU A 392 -11.61 -3.45 17.10
N LEU A 393 -10.80 -4.12 16.28
CA LEU A 393 -10.66 -5.57 16.35
C LEU A 393 -9.99 -6.01 17.65
N PHE A 394 -9.00 -5.24 18.10
CA PHE A 394 -8.27 -5.52 19.34
C PHE A 394 -9.23 -5.30 20.54
N TYR A 395 -10.09 -4.29 20.46
CA TYR A 395 -11.09 -4.02 21.49
C TYR A 395 -12.11 -5.17 21.53
N LEU A 396 -12.58 -5.64 20.33
CA LEU A 396 -13.51 -6.76 20.19
C LEU A 396 -12.86 -8.04 20.74
N GLU A 397 -11.55 -8.25 20.44
CA GLU A 397 -10.80 -9.41 20.96
C GLU A 397 -10.89 -9.45 22.51
N GLN A 398 -10.66 -8.30 23.15
CA GLN A 398 -10.69 -8.20 24.62
C GLN A 398 -12.08 -8.38 25.20
N LEU A 399 -13.09 -7.83 24.52
CA LEU A 399 -14.48 -7.91 24.90
C LEU A 399 -15.02 -9.34 24.77
N LEU A 400 -14.56 -10.06 23.74
CA LEU A 400 -15.05 -11.39 23.40
C LEU A 400 -14.35 -12.62 23.97
N GLY A 401 -13.32 -12.42 24.79
CA GLY A 401 -12.68 -13.55 25.45
C GLY A 401 -11.23 -13.86 25.13
N GLY A 402 -10.56 -12.99 24.36
CA GLY A 402 -9.15 -13.16 24.08
C GLY A 402 -8.74 -13.56 22.69
N PRO A 403 -7.41 -13.54 22.45
CA PRO A 403 -6.90 -13.81 21.09
C PRO A 403 -7.25 -15.14 20.47
N GLU A 404 -7.23 -16.24 21.24
CA GLU A 404 -7.59 -17.55 20.70
C GLU A 404 -9.02 -17.55 20.12
N ILE A 405 -9.99 -17.01 20.89
CA ILE A 405 -11.39 -16.90 20.48
C ILE A 405 -11.53 -16.02 19.23
N PHE A 406 -10.91 -14.83 19.24
CA PHE A 406 -10.99 -13.89 18.12
C PHE A 406 -10.34 -14.38 16.85
N LEU A 407 -9.23 -15.13 16.97
CA LEU A 407 -8.56 -15.75 15.83
C LEU A 407 -9.46 -16.81 15.20
N GLY A 408 -10.34 -17.44 16.00
CA GLY A 408 -11.31 -18.42 15.47
C GLY A 408 -12.30 -17.71 14.57
N PHE A 409 -12.73 -16.50 14.98
CA PHE A 409 -13.63 -15.68 14.17
C PHE A 409 -12.89 -15.22 12.92
N LEU A 410 -11.63 -14.77 13.04
CA LEU A 410 -10.85 -14.32 11.88
C LEU A 410 -10.80 -15.41 10.81
N LYS A 411 -10.50 -16.64 11.21
CA LYS A 411 -10.41 -17.77 10.27
C LYS A 411 -11.76 -18.09 9.61
N ALA A 412 -12.85 -18.04 10.37
CA ALA A 412 -14.19 -18.31 9.83
C ALA A 412 -14.61 -17.21 8.87
N TYR A 413 -14.25 -15.95 9.15
CA TYR A 413 -14.55 -14.77 8.32
C TYR A 413 -13.84 -14.87 6.96
N VAL A 414 -12.56 -15.27 6.96
CA VAL A 414 -11.82 -15.48 5.72
C VAL A 414 -12.47 -16.58 4.88
N GLU A 415 -12.81 -17.71 5.51
CA GLU A 415 -13.44 -18.85 4.83
C GLU A 415 -14.79 -18.45 4.23
N LYS A 416 -15.61 -17.75 5.01
CA LYS A 416 -16.94 -17.30 4.59
C LYS A 416 -16.91 -16.38 3.35
N PHE A 417 -16.01 -15.42 3.36
CA PHE A 417 -15.97 -14.42 2.31
C PHE A 417 -14.84 -14.54 1.26
N SER A 418 -14.11 -15.65 1.26
CA SER A 418 -13.06 -15.88 0.24
C SER A 418 -13.64 -15.74 -1.17
N TYR A 419 -12.90 -14.98 -2.02
CA TYR A 419 -13.23 -14.74 -3.43
C TYR A 419 -14.40 -13.78 -3.58
N LYS A 420 -14.83 -13.14 -2.48
CA LYS A 420 -15.93 -12.18 -2.51
C LYS A 420 -15.46 -10.76 -2.16
N SER A 421 -16.31 -9.78 -2.46
CA SER A 421 -16.12 -8.36 -2.15
C SER A 421 -17.28 -7.99 -1.21
N ILE A 422 -16.96 -7.48 -0.03
CA ILE A 422 -17.94 -7.22 1.03
C ILE A 422 -17.92 -5.79 1.59
N THR A 423 -18.97 -5.45 2.35
CA THR A 423 -19.09 -4.14 3.02
C THR A 423 -18.95 -4.32 4.55
N THR A 424 -18.98 -3.20 5.29
CA THR A 424 -18.92 -3.18 6.75
C THR A 424 -20.17 -3.91 7.31
N ASP A 425 -21.36 -3.73 6.69
CA ASP A 425 -22.57 -4.43 7.11
C ASP A 425 -22.45 -5.95 6.98
N ASP A 426 -21.81 -6.46 5.91
CA ASP A 426 -21.59 -7.91 5.75
C ASP A 426 -20.69 -8.43 6.88
N TRP A 427 -19.60 -7.69 7.20
CA TRP A 427 -18.68 -8.08 8.27
C TRP A 427 -19.40 -8.12 9.63
N LYS A 428 -20.14 -7.04 9.95
CA LYS A 428 -20.85 -6.87 11.23
C LYS A 428 -21.89 -7.98 11.43
N ASP A 429 -22.62 -8.28 10.37
CA ASP A 429 -23.63 -9.32 10.32
C ASP A 429 -22.97 -10.67 10.66
N PHE A 430 -21.84 -11.01 9.98
CA PHE A 430 -21.13 -12.24 10.25
C PHE A 430 -20.55 -12.26 11.66
N LEU A 431 -20.05 -11.11 12.15
CA LEU A 431 -19.53 -11.01 13.52
C LEU A 431 -20.65 -11.39 14.52
N TYR A 432 -21.86 -10.83 14.30
CA TYR A 432 -23.03 -11.11 15.16
C TYR A 432 -23.47 -12.57 15.06
N SER A 433 -23.34 -13.17 13.87
CA SER A 433 -23.71 -14.56 13.62
C SER A 433 -22.75 -15.51 14.32
N TYR A 434 -21.43 -15.32 14.11
CA TYR A 434 -20.40 -16.16 14.72
C TYR A 434 -20.46 -16.06 16.26
N PHE A 435 -20.63 -14.83 16.79
CA PHE A 435 -20.70 -14.53 18.21
C PHE A 435 -22.14 -14.40 18.74
N LYS A 436 -23.07 -15.21 18.20
CA LYS A 436 -24.48 -15.23 18.60
C LYS A 436 -24.72 -15.47 20.10
N ASP A 437 -23.85 -16.23 20.76
CA ASP A 437 -23.91 -16.49 22.20
C ASP A 437 -23.37 -15.31 23.03
N LYS A 438 -22.76 -14.30 22.37
CA LYS A 438 -22.22 -13.10 23.03
C LYS A 438 -22.83 -11.79 22.48
N VAL A 439 -24.06 -11.87 21.90
CA VAL A 439 -24.75 -10.71 21.33
C VAL A 439 -25.02 -9.61 22.38
N ASP A 440 -25.23 -10.01 23.65
CA ASP A 440 -25.43 -9.10 24.77
C ASP A 440 -24.19 -8.24 24.97
N VAL A 441 -23.00 -8.85 24.77
CA VAL A 441 -21.71 -8.18 24.85
C VAL A 441 -21.53 -7.25 23.63
N LEU A 442 -21.84 -7.75 22.42
CA LEU A 442 -21.74 -7.00 21.16
C LEU A 442 -22.65 -5.78 21.12
N ASN A 443 -23.84 -5.87 21.75
CA ASN A 443 -24.78 -4.73 21.86
C ASN A 443 -24.33 -3.61 22.79
N GLN A 444 -23.20 -3.79 23.50
CA GLN A 444 -22.60 -2.79 24.39
C GLN A 444 -21.61 -1.91 23.60
N VAL A 445 -21.17 -2.36 22.43
CA VAL A 445 -20.25 -1.60 21.57
C VAL A 445 -20.97 -0.37 21.02
N ASP A 446 -20.31 0.81 21.05
CA ASP A 446 -20.89 2.02 20.48
C ASP A 446 -20.52 1.98 18.97
N TRP A 447 -21.31 1.21 18.18
CA TRP A 447 -21.09 0.98 16.75
C TRP A 447 -21.10 2.28 15.94
N ASN A 448 -22.09 3.17 16.20
CA ASN A 448 -22.19 4.46 15.51
C ASN A 448 -20.91 5.26 15.66
N ALA A 449 -20.34 5.28 16.89
CA ALA A 449 -19.09 5.99 17.16
C ALA A 449 -17.89 5.32 16.51
N TRP A 450 -17.77 3.99 16.69
CA TRP A 450 -16.62 3.26 16.15
C TRP A 450 -16.53 3.32 14.63
N LEU A 451 -17.65 3.08 13.94
CA LEU A 451 -17.68 3.02 12.47
C LEU A 451 -17.85 4.35 11.74
N TYR A 452 -18.70 5.25 12.26
CA TYR A 452 -19.13 6.45 11.56
C TYR A 452 -18.75 7.81 12.13
N SER A 453 -18.13 7.84 13.32
CA SER A 453 -17.75 9.11 13.95
C SER A 453 -16.28 9.47 13.74
N PRO A 454 -15.97 10.77 13.59
CA PRO A 454 -14.57 11.18 13.48
C PRO A 454 -13.85 11.11 14.84
N GLY A 455 -12.53 11.23 14.79
CA GLY A 455 -11.67 11.30 15.96
C GLY A 455 -11.20 9.99 16.55
N LEU A 456 -10.71 10.05 17.79
CA LEU A 456 -10.24 8.87 18.48
C LEU A 456 -11.43 7.97 18.81
N PRO A 457 -11.22 6.64 18.83
CA PRO A 457 -12.32 5.72 19.18
C PRO A 457 -12.94 6.03 20.54
N PRO A 458 -14.21 5.64 20.82
CA PRO A 458 -14.79 5.96 22.14
C PRO A 458 -14.15 5.23 23.33
N ILE A 459 -13.45 4.10 23.07
CA ILE A 459 -12.78 3.27 24.08
C ILE A 459 -11.36 2.98 23.62
N LYS A 460 -10.41 3.02 24.57
CA LYS A 460 -9.05 2.64 24.30
C LYS A 460 -8.84 1.21 24.84
N PRO A 461 -8.36 0.27 23.99
CA PRO A 461 -8.10 -1.11 24.48
C PRO A 461 -7.09 -1.19 25.65
N ASN A 462 -6.91 -2.38 26.22
CA ASN A 462 -5.94 -2.60 27.31
C ASN A 462 -4.62 -3.10 26.73
N TYR A 463 -3.52 -2.41 27.04
CA TYR A 463 -2.22 -2.78 26.48
C TYR A 463 -1.22 -3.11 27.55
N ASP A 464 -0.48 -4.21 27.37
CA ASP A 464 0.65 -4.54 28.23
C ASP A 464 1.72 -3.46 27.94
N MET A 465 2.34 -2.94 28.99
CA MET A 465 3.29 -1.83 28.95
C MET A 465 4.76 -2.25 29.06
N THR A 466 5.02 -3.53 29.34
CA THR A 466 6.37 -4.04 29.59
C THR A 466 7.50 -3.44 28.75
N LEU A 467 7.41 -3.58 27.42
CA LEU A 467 8.44 -3.09 26.51
C LEU A 467 8.36 -1.60 26.22
N THR A 468 7.20 -0.97 26.48
CA THR A 468 6.98 0.46 26.27
C THR A 468 7.53 1.32 27.43
N ASN A 469 7.51 0.79 28.65
CA ASN A 469 7.92 1.51 29.86
C ASN A 469 9.25 2.25 29.77
N ALA A 470 10.31 1.58 29.27
CA ALA A 470 11.65 2.18 29.14
C ALA A 470 11.66 3.34 28.12
N CYS A 471 10.85 3.24 27.04
CA CYS A 471 10.75 4.29 26.00
C CYS A 471 10.12 5.54 26.60
N ILE A 472 8.98 5.36 27.29
CA ILE A 472 8.26 6.44 27.97
C ILE A 472 9.15 7.07 29.03
N ALA A 473 9.85 6.27 29.84
CA ALA A 473 10.71 6.82 30.89
C ALA A 473 11.85 7.70 30.30
N LEU A 474 12.55 7.25 29.23
CA LEU A 474 13.63 8.06 28.64
C LEU A 474 13.10 9.32 27.94
N SER A 475 11.95 9.22 27.26
CA SER A 475 11.33 10.35 26.60
C SER A 475 10.96 11.42 27.64
N GLN A 476 10.35 11.01 28.77
CA GLN A 476 9.96 11.92 29.86
C GLN A 476 11.14 12.58 30.52
N ARG A 477 12.28 11.86 30.65
CA ARG A 477 13.51 12.41 31.21
C ARG A 477 13.96 13.60 30.35
N TRP A 478 13.97 13.43 29.01
CA TRP A 478 14.38 14.46 28.05
C TRP A 478 13.41 15.65 28.04
N ILE A 479 12.10 15.37 28.02
CA ILE A 479 11.09 16.44 27.97
C ILE A 479 11.10 17.29 29.25
N THR A 480 11.28 16.65 30.43
CA THR A 480 11.30 17.38 31.71
C THR A 480 12.68 17.97 32.05
N ALA A 481 13.74 17.56 31.34
CA ALA A 481 15.09 18.06 31.60
C ALA A 481 15.21 19.57 31.39
N LYS A 482 15.95 20.21 32.30
CA LYS A 482 16.33 21.61 32.15
C LYS A 482 17.81 21.62 31.71
N GLU A 483 18.37 22.80 31.38
CA GLU A 483 19.78 22.90 30.94
C GLU A 483 20.73 22.18 31.88
N ASP A 484 20.58 22.35 33.21
CA ASP A 484 21.47 21.70 34.18
C ASP A 484 21.36 20.16 34.29
N ASP A 485 20.36 19.55 33.60
CA ASP A 485 20.13 18.10 33.57
C ASP A 485 20.71 17.40 32.33
N LEU A 486 21.05 18.17 31.31
CA LEU A 486 21.60 17.65 30.05
C LEU A 486 22.90 16.87 30.21
N ASN A 487 23.71 17.23 31.21
CA ASN A 487 24.96 16.54 31.52
C ASN A 487 24.76 15.06 31.93
N SER A 488 23.61 14.75 32.55
CA SER A 488 23.32 13.40 33.03
C SER A 488 23.05 12.42 31.89
N PHE A 489 22.72 12.91 30.65
CA PHE A 489 22.48 11.96 29.55
C PHE A 489 23.79 11.39 28.98
N ASN A 490 23.74 10.12 28.54
CA ASN A 490 24.95 9.42 28.07
C ASN A 490 24.57 8.26 27.14
N ALA A 491 25.49 7.81 26.28
CA ALA A 491 25.22 6.68 25.37
C ALA A 491 24.69 5.44 26.11
N THR A 492 25.02 5.31 27.42
CA THR A 492 24.56 4.19 28.27
C THR A 492 23.05 4.13 28.46
N ASP A 493 22.35 5.26 28.30
CA ASP A 493 20.87 5.31 28.36
C ASP A 493 20.21 4.34 27.36
N LEU A 494 20.87 4.09 26.19
CA LEU A 494 20.34 3.26 25.10
C LEU A 494 20.77 1.81 25.10
N LYS A 495 21.66 1.42 26.03
CA LYS A 495 22.21 0.07 26.07
C LYS A 495 21.19 -1.07 26.10
N ASP A 496 20.09 -0.91 26.84
CA ASP A 496 19.09 -1.95 26.91
C ASP A 496 17.89 -1.75 25.96
N LEU A 497 18.00 -0.80 25.01
CA LEU A 497 16.90 -0.59 24.07
C LEU A 497 17.12 -1.31 22.75
N SER A 498 16.07 -1.94 22.22
CA SER A 498 16.18 -2.59 20.90
C SER A 498 15.99 -1.46 19.86
N SER A 499 16.15 -1.75 18.54
CA SER A 499 15.89 -0.73 17.50
C SER A 499 14.43 -0.26 17.55
N HIS A 500 13.48 -1.21 17.83
CA HIS A 500 12.04 -0.88 17.93
C HIS A 500 11.79 0.06 19.11
N GLN A 501 12.48 -0.17 20.23
CA GLN A 501 12.32 0.68 21.43
C GLN A 501 12.97 2.05 21.22
N LEU A 502 14.05 2.10 20.43
CA LEU A 502 14.73 3.34 20.08
C LEU A 502 13.80 4.18 19.18
N ASN A 503 13.08 3.52 18.28
CA ASN A 503 12.09 4.18 17.41
C ASN A 503 10.89 4.71 18.24
N GLU A 504 10.42 3.92 19.23
CA GLU A 504 9.31 4.30 20.10
C GLU A 504 9.73 5.46 21.02
N PHE A 505 11.02 5.48 21.46
CA PHE A 505 11.55 6.60 22.25
C PHE A 505 11.44 7.87 21.39
N LEU A 506 11.87 7.81 20.12
CA LEU A 506 11.79 8.97 19.22
C LEU A 506 10.36 9.39 18.93
N ALA A 507 9.45 8.41 18.73
CA ALA A 507 8.04 8.70 18.45
C ALA A 507 7.39 9.39 19.64
N GLN A 508 7.67 8.92 20.86
CA GLN A 508 7.12 9.54 22.08
C GLN A 508 7.60 10.99 22.20
N THR A 509 8.87 11.25 21.90
CA THR A 509 9.48 12.59 22.05
C THR A 509 8.96 13.51 20.96
N LEU A 510 8.82 12.97 19.72
CA LEU A 510 8.29 13.71 18.59
C LEU A 510 6.86 14.21 18.83
N GLN A 511 6.04 13.45 19.58
CA GLN A 511 4.68 13.87 19.94
C GLN A 511 4.66 15.15 20.80
N ARG A 512 5.77 15.44 21.53
CA ARG A 512 5.90 16.64 22.38
C ARG A 512 6.79 17.71 21.72
N ALA A 513 7.15 17.53 20.43
CA ALA A 513 8.01 18.49 19.73
C ALA A 513 7.31 19.84 19.47
N PRO A 514 8.06 20.97 19.46
CA PRO A 514 9.52 21.07 19.61
C PRO A 514 10.02 20.93 21.04
N LEU A 515 11.28 20.51 21.14
CA LEU A 515 12.08 20.50 22.36
C LEU A 515 13.09 21.63 22.20
N PRO A 516 13.73 22.15 23.28
CA PRO A 516 14.69 23.26 23.09
C PRO A 516 15.82 22.81 22.17
N LEU A 517 16.36 23.73 21.38
CA LEU A 517 17.47 23.42 20.47
C LEU A 517 18.69 22.78 21.17
N GLY A 518 19.02 23.26 22.39
CA GLY A 518 20.11 22.72 23.21
C GLY A 518 19.90 21.26 23.59
N HIS A 519 18.65 20.84 23.80
CA HIS A 519 18.34 19.44 24.13
C HIS A 519 18.64 18.56 22.91
N ILE A 520 18.21 19.00 21.70
CA ILE A 520 18.42 18.23 20.46
C ILE A 520 19.90 18.12 20.13
N LYS A 521 20.65 19.22 20.31
CA LYS A 521 22.11 19.22 20.12
C LYS A 521 22.75 18.21 21.08
N ARG A 522 22.31 18.19 22.35
CA ARG A 522 22.83 17.23 23.33
C ARG A 522 22.51 15.77 22.95
N MET A 523 21.30 15.51 22.46
CA MET A 523 20.90 14.18 22.01
C MET A 523 21.83 13.68 20.90
N GLN A 524 22.25 14.56 19.97
CA GLN A 524 23.18 14.13 18.91
C GLN A 524 24.58 13.89 19.53
N GLU A 525 24.96 14.76 20.46
CA GLU A 525 26.25 14.67 21.14
C GLU A 525 26.41 13.32 21.86
N VAL A 526 25.35 12.88 22.58
CA VAL A 526 25.40 11.64 23.37
C VAL A 526 24.94 10.37 22.66
N TYR A 527 23.94 10.47 21.79
CA TYR A 527 23.40 9.29 21.12
C TYR A 527 23.84 9.06 19.67
N ASN A 528 24.42 10.10 19.02
CA ASN A 528 24.88 10.08 17.63
C ASN A 528 23.80 9.50 16.71
N PHE A 529 22.58 10.05 16.83
CA PHE A 529 21.46 9.59 16.00
C PHE A 529 21.68 9.85 14.50
N ASN A 530 22.51 10.85 14.14
CA ASN A 530 22.86 11.16 12.75
C ASN A 530 23.47 9.97 12.00
N ALA A 531 24.20 9.10 12.71
CA ALA A 531 24.82 7.90 12.15
C ALA A 531 23.83 6.75 11.89
N ILE A 532 22.56 6.81 12.39
CA ILE A 532 21.65 5.68 12.21
C ILE A 532 21.08 5.65 10.79
N ASN A 533 21.26 4.53 10.09
CA ASN A 533 20.81 4.34 8.72
C ASN A 533 19.35 3.88 8.66
N ASN A 534 18.85 3.19 9.71
CA ASN A 534 17.48 2.69 9.81
C ASN A 534 16.49 3.81 9.41
N SER A 535 15.78 3.63 8.28
CA SER A 535 14.90 4.67 7.71
C SER A 535 13.81 5.19 8.68
N GLU A 536 13.22 4.32 9.50
CA GLU A 536 12.16 4.73 10.46
C GLU A 536 12.71 5.61 11.58
N ILE A 537 13.84 5.18 12.18
CA ILE A 537 14.52 5.92 13.24
C ILE A 537 15.03 7.24 12.66
N ARG A 538 15.70 7.19 11.50
CA ARG A 538 16.27 8.37 10.87
C ARG A 538 15.21 9.41 10.56
N PHE A 539 14.09 8.96 9.99
CA PHE A 539 12.96 9.84 9.68
C PHE A 539 12.43 10.56 10.96
N ARG A 540 12.17 9.82 12.05
CA ARG A 540 11.65 10.45 13.27
C ARG A 540 12.68 11.41 13.88
N TRP A 541 13.97 11.04 13.82
CA TRP A 541 15.06 11.89 14.31
C TRP A 541 15.15 13.18 13.51
N LEU A 542 15.08 13.10 12.17
CA LEU A 542 15.16 14.35 11.38
C LEU A 542 13.94 15.25 11.55
N ARG A 543 12.74 14.65 11.74
CA ARG A 543 11.53 15.41 12.00
C ARG A 543 11.70 16.13 13.34
N LEU A 544 12.28 15.43 14.32
CA LEU A 544 12.50 16.02 15.64
C LEU A 544 13.46 17.21 15.56
N CYS A 545 14.54 17.07 14.77
CA CYS A 545 15.55 18.14 14.57
C CYS A 545 14.96 19.36 13.87
N ILE A 546 14.21 19.14 12.78
CA ILE A 546 13.59 20.20 11.99
C ILE A 546 12.49 20.90 12.78
N GLN A 547 11.63 20.12 13.47
CA GLN A 547 10.60 20.75 14.30
C GLN A 547 11.20 21.52 15.47
N SER A 548 12.39 21.13 15.96
CA SER A 548 13.11 21.83 17.04
C SER A 548 14.09 22.90 16.51
N LYS A 549 13.97 23.21 15.19
CA LYS A 549 14.65 24.32 14.50
C LYS A 549 16.16 24.25 14.45
N TRP A 550 16.69 23.05 14.20
CA TRP A 550 18.12 22.90 14.08
C TRP A 550 18.49 22.99 12.61
N GLU A 551 19.16 24.08 12.23
CA GLU A 551 19.56 24.37 10.86
C GLU A 551 20.47 23.33 10.25
N ASP A 552 21.35 22.71 11.07
CA ASP A 552 22.27 21.64 10.63
C ASP A 552 21.52 20.45 10.05
N ALA A 553 20.26 20.21 10.52
CA ALA A 553 19.47 19.09 10.02
C ALA A 553 18.86 19.34 8.63
N ILE A 554 18.79 20.62 8.19
CA ILE A 554 18.21 20.98 6.88
C ILE A 554 18.80 20.15 5.71
N PRO A 555 20.13 20.09 5.45
CA PRO A 555 20.63 19.26 4.33
C PRO A 555 20.36 17.77 4.50
N LEU A 556 20.34 17.25 5.75
CA LEU A 556 20.07 15.83 6.02
C LEU A 556 18.60 15.47 5.71
N ALA A 557 17.67 16.34 6.16
CA ALA A 557 16.23 16.14 5.89
C ALA A 557 15.93 16.24 4.38
N LEU A 558 16.51 17.25 3.67
CA LEU A 558 16.30 17.42 2.23
C LEU A 558 16.82 16.22 1.46
N LYS A 559 18.02 15.74 1.83
CA LYS A 559 18.63 14.56 1.19
C LYS A 559 17.71 13.35 1.40
N MET A 560 17.22 13.09 2.63
CA MET A 560 16.31 11.94 2.86
C MET A 560 14.99 12.07 2.09
N ALA A 561 14.40 13.29 2.05
CA ALA A 561 13.12 13.53 1.38
C ALA A 561 13.22 13.24 -0.14
N THR A 562 14.41 13.42 -0.75
CA THR A 562 14.58 13.25 -2.19
C THR A 562 15.30 11.98 -2.64
N GLU A 563 16.21 11.43 -1.84
CA GLU A 563 16.95 10.20 -2.18
C GLU A 563 16.07 8.94 -2.13
N GLN A 564 14.91 9.05 -1.51
CA GLN A 564 13.90 7.98 -1.46
C GLN A 564 12.54 8.68 -1.62
N GLY A 565 11.50 7.94 -1.96
CA GLY A 565 10.18 8.50 -2.26
C GLY A 565 9.03 7.83 -1.56
N ARG A 566 9.30 7.07 -0.48
CA ARG A 566 8.23 6.45 0.30
C ARG A 566 7.48 7.60 0.98
N MET A 567 6.17 7.75 0.62
CA MET A 567 5.34 8.85 1.08
C MET A 567 5.27 9.08 2.57
N LYS A 568 5.25 7.98 3.35
CA LYS A 568 5.28 7.96 4.81
C LYS A 568 6.45 8.86 5.29
N PHE A 569 7.61 8.85 4.57
CA PHE A 569 8.77 9.67 4.94
C PHE A 569 8.83 11.00 4.18
N THR A 570 8.79 10.94 2.83
CA THR A 570 8.85 12.11 1.96
C THR A 570 7.83 13.20 2.30
N ARG A 571 6.52 12.86 2.43
CA ARG A 571 5.54 13.93 2.73
C ARG A 571 5.76 14.69 4.05
N PRO A 572 5.86 14.02 5.22
CA PRO A 572 6.08 14.78 6.47
C PRO A 572 7.44 15.51 6.48
N LEU A 573 8.49 14.98 5.81
CA LEU A 573 9.78 15.69 5.76
C LEU A 573 9.64 17.00 4.95
N PHE A 574 9.02 16.93 3.75
CA PHE A 574 8.76 18.16 2.99
C PHE A 574 7.90 19.13 3.78
N LYS A 575 6.84 18.64 4.46
CA LYS A 575 5.93 19.51 5.26
C LYS A 575 6.66 20.19 6.41
N ASP A 576 7.47 19.42 7.16
CA ASP A 576 8.29 19.97 8.27
C ASP A 576 9.30 21.04 7.76
N LEU A 577 10.00 20.74 6.64
CA LEU A 577 10.94 21.69 6.00
C LEU A 577 10.25 22.96 5.50
N ALA A 578 8.99 22.85 4.99
CA ALA A 578 8.23 24.03 4.56
C ALA A 578 7.77 24.86 5.79
N ALA A 579 7.57 24.21 6.97
CA ALA A 579 7.11 24.91 8.17
C ALA A 579 8.23 25.61 8.95
N PHE A 580 9.49 25.26 8.66
CA PHE A 580 10.67 25.88 9.26
C PHE A 580 11.11 27.03 8.32
N ASP A 581 11.06 28.30 8.82
CA ASP A 581 11.39 29.53 8.08
C ASP A 581 12.73 29.43 7.35
N LYS A 582 13.76 28.88 8.03
CA LYS A 582 15.11 28.72 7.51
C LYS A 582 15.17 27.80 6.30
N SER A 583 14.29 26.81 6.23
CA SER A 583 14.31 25.85 5.11
C SER A 583 13.14 25.96 4.13
N HIS A 584 12.15 26.84 4.41
CA HIS A 584 10.95 26.94 3.57
C HIS A 584 11.25 27.08 2.10
N ASP A 585 12.03 28.12 1.72
CA ASP A 585 12.39 28.37 0.31
C ASP A 585 13.12 27.18 -0.33
N GLN A 586 14.02 26.53 0.42
CA GLN A 586 14.75 25.34 -0.03
C GLN A 586 13.80 24.18 -0.29
N ALA A 587 12.81 23.98 0.59
CA ALA A 587 11.84 22.89 0.43
C ALA A 587 11.05 23.06 -0.86
N VAL A 588 10.54 24.28 -1.10
CA VAL A 588 9.77 24.58 -2.31
C VAL A 588 10.59 24.40 -3.58
N ARG A 589 11.81 24.97 -3.60
CA ARG A 589 12.73 24.87 -4.74
C ARG A 589 13.14 23.43 -5.03
N THR A 590 13.43 22.66 -3.99
CA THR A 590 13.81 21.25 -4.12
C THR A 590 12.67 20.44 -4.75
N TYR A 591 11.44 20.67 -4.30
CA TYR A 591 10.27 20.00 -4.87
C TYR A 591 10.13 20.35 -6.37
N GLN A 592 10.22 21.65 -6.70
CA GLN A 592 10.12 22.18 -8.06
C GLN A 592 11.18 21.55 -9.00
N GLU A 593 12.43 21.41 -8.53
CA GLU A 593 13.52 20.78 -9.31
C GLU A 593 13.34 19.28 -9.52
N HIS A 594 12.76 18.58 -8.53
CA HIS A 594 12.60 17.12 -8.54
C HIS A 594 11.24 16.63 -9.06
N LYS A 595 10.22 17.51 -9.10
CA LYS A 595 8.84 17.20 -9.51
C LYS A 595 8.73 16.34 -10.76
N ALA A 596 9.44 16.72 -11.84
CA ALA A 596 9.36 16.01 -13.13
C ALA A 596 9.88 14.57 -13.11
N SER A 597 10.78 14.25 -12.16
CA SER A 597 11.38 12.92 -12.01
C SER A 597 10.80 12.12 -10.81
N MET A 598 9.73 12.66 -10.18
CA MET A 598 9.08 12.01 -9.05
C MET A 598 7.96 11.09 -9.56
N HIS A 599 7.50 10.17 -8.69
CA HIS A 599 6.35 9.30 -8.96
C HIS A 599 5.16 10.25 -9.12
N PRO A 600 4.24 10.06 -10.11
CA PRO A 600 3.15 11.04 -10.31
C PRO A 600 2.21 11.24 -9.11
N VAL A 601 1.94 10.19 -8.32
CA VAL A 601 1.06 10.33 -7.16
C VAL A 601 1.82 11.11 -6.06
N THR A 602 3.09 10.72 -5.80
CA THR A 602 3.90 11.44 -4.82
C THR A 602 4.03 12.91 -5.19
N ALA A 603 4.29 13.21 -6.49
CA ALA A 603 4.42 14.59 -6.98
C ALA A 603 3.14 15.38 -6.73
N MET A 604 1.98 14.76 -7.01
CA MET A 604 0.69 15.42 -6.79
C MET A 604 0.50 15.75 -5.31
N LEU A 605 0.69 14.76 -4.42
CA LEU A 605 0.50 14.94 -2.98
C LEU A 605 1.46 15.90 -2.29
N VAL A 606 2.76 15.89 -2.68
CA VAL A 606 3.74 16.81 -2.08
C VAL A 606 3.38 18.25 -2.52
N GLY A 607 2.94 18.40 -3.78
CA GLY A 607 2.46 19.67 -4.34
C GLY A 607 1.34 20.28 -3.52
N LYS A 608 0.31 19.44 -3.21
CA LYS A 608 -0.82 19.84 -2.37
C LYS A 608 -0.36 20.24 -0.95
N ASP A 609 0.51 19.41 -0.32
CA ASP A 609 1.03 19.66 1.03
C ASP A 609 1.82 20.97 1.13
N LEU A 610 2.59 21.30 0.09
CA LEU A 610 3.45 22.50 -0.01
C LEU A 610 2.69 23.69 -0.61
N LYS A 611 1.46 23.47 -1.10
CA LYS A 611 0.59 24.46 -1.77
C LYS A 611 1.33 25.09 -2.96
N VAL A 612 1.93 24.22 -3.81
CA VAL A 612 2.70 24.59 -5.01
C VAL A 612 1.99 23.90 -6.17
N ASP A 613 1.48 24.69 -7.13
CA ASP A 613 0.74 24.18 -8.28
C ASP A 613 1.61 23.89 -9.52
#